data_6RY1
#
_entry.id   6RY1
#
_cell.length_a   83.855
_cell.length_b   55.022
_cell.length_c   80.458
_cell.angle_alpha   90.00
_cell.angle_beta   90.45
_cell.angle_gamma   90.00
#
_symmetry.space_group_name_H-M   'C 1 2 1'
#
loop_
_entity.id
_entity.type
_entity.pdbx_description
1 polymer 'Mannan endo-1,6-alpha-mannosidase'
2 non-polymer 'ACETATE ION'
3 non-polymer 'CALCIUM ION'
4 non-polymer 'TRIETHYLENE GLYCOL'
5 non-polymer alpha-D-mannopyranose
6 water water
#
_entity_poly.entity_id   1
_entity_poly.type   'polypeptide(L)'
_entity_poly.pdbx_seq_one_letter_code
;MGSSHHHHHHSSGLVPRGSHMASQQQYYKIDTKEEILESARTLAYDMMLFYKGNQSGEIPGILPGPPTEHKGDYYWWEGG
AMMGTYVDYWHLTGDPSYNHVIMEGMLHQVGPNADYQPPNHTASLGNDDQGFWGMSAMLAAENKFPNPPDDKPQWLALAQ
AVWTTQASPERHDGTCNGGLRWQIPPTNAGYNYKNTIANACFFDLGARLARYTKNNTYAEWAEKIFDWLYAVGYIDHETW
AVYDGGHVEHNCTDINRAQFSYNAALLLHGAAFMWNYTEDQKWKDRVDNLLTGILRDFFKDGVVFEIPCEGRQGACTADM
LTFKGYVHRWMAVVTQIAPHTKDRILPVLRTSAEAAVKQCVGPPTGRRCGFYWKSGKFVDPSVDHTSGAGEAMSVLAAVS
SLLIEYAEPPATNETGISRGDPNAGMRSRGAAQHFREINAGDR
;
_entity_poly.pdbx_strand_id   A
#
loop_
_chem_comp.id
_chem_comp.type
_chem_comp.name
_chem_comp.formula
ACT non-polymer 'ACETATE ION' 'C2 H3 O2 -1'
CA non-polymer 'CALCIUM ION' 'Ca 2'
MAN D-saccharide, alpha linking alpha-D-mannopyranose 'C6 H12 O6'
PGE non-polymer 'TRIETHYLENE GLYCOL' 'C6 H14 O4'
#
# COMPACT_ATOMS: atom_id res chain seq x y z
N GLN A 26 -0.83 -28.82 -6.59
CA GLN A 26 -0.21 -27.51 -6.33
C GLN A 26 1.12 -27.38 -7.05
N TYR A 27 1.37 -26.21 -7.61
CA TYR A 27 2.58 -25.95 -8.38
C TYR A 27 3.70 -25.40 -7.51
N TYR A 28 3.41 -24.35 -6.74
CA TYR A 28 4.42 -23.70 -5.93
C TYR A 28 4.62 -24.42 -4.61
N LYS A 29 5.87 -24.53 -4.19
N LYS A 29 5.88 -24.55 -4.21
CA LYS A 29 6.23 -25.10 -2.91
CA LYS A 29 6.25 -25.09 -2.91
C LYS A 29 6.78 -24.01 -1.99
C LYS A 29 6.71 -23.96 -2.01
N ILE A 30 6.37 -24.05 -0.72
CA ILE A 30 6.75 -22.99 0.22
C ILE A 30 7.16 -23.53 1.59
N ASP A 31 7.76 -24.71 1.62
CA ASP A 31 8.03 -25.35 2.90
C ASP A 31 9.43 -25.14 3.42
N THR A 32 10.34 -24.61 2.63
CA THR A 32 11.65 -24.22 3.10
C THR A 32 11.97 -22.83 2.58
N LYS A 33 13.00 -22.21 3.15
CA LYS A 33 13.43 -20.91 2.66
C LYS A 33 13.75 -20.98 1.16
N GLU A 34 14.47 -22.01 0.73
CA GLU A 34 14.84 -22.11 -0.67
C GLU A 34 13.62 -22.30 -1.56
N GLU A 35 12.64 -23.10 -1.13
CA GLU A 35 11.41 -23.25 -1.90
C GLU A 35 10.67 -21.93 -2.03
N ILE A 36 10.57 -21.19 -0.94
CA ILE A 36 9.88 -19.90 -0.96
C ILE A 36 10.59 -18.94 -1.91
N LEU A 37 11.92 -18.90 -1.85
CA LEU A 37 12.67 -18.03 -2.74
C LEU A 37 12.39 -18.38 -4.20
N GLU A 38 12.40 -19.67 -4.53
CA GLU A 38 12.14 -20.08 -5.91
C GLU A 38 10.72 -19.72 -6.33
N SER A 39 9.74 -20.02 -5.46
CA SER A 39 8.36 -19.66 -5.76
C SER A 39 8.22 -18.15 -5.97
N ALA A 40 8.81 -17.36 -5.09
CA ALA A 40 8.72 -15.92 -5.21
C ALA A 40 9.36 -15.43 -6.50
N ARG A 41 10.47 -16.06 -6.90
CA ARG A 41 11.11 -15.67 -8.16
C ARG A 41 10.20 -15.92 -9.35
N THR A 42 9.52 -17.07 -9.38
CA THR A 42 8.63 -17.37 -10.49
C THR A 42 7.40 -16.48 -10.46
N LEU A 43 6.88 -16.19 -9.26
CA LEU A 43 5.77 -15.25 -9.11
C LEU A 43 6.17 -13.85 -9.58
N ALA A 44 7.40 -13.43 -9.30
CA ALA A 44 7.87 -12.12 -9.74
C ALA A 44 7.96 -12.05 -11.26
N TYR A 45 8.34 -13.17 -11.89
CA TYR A 45 8.33 -13.28 -13.35
C TYR A 45 6.91 -13.17 -13.90
N ASP A 46 5.97 -13.93 -13.35
CA ASP A 46 4.61 -13.92 -13.88
C ASP A 46 3.94 -12.55 -13.71
N MET A 47 4.19 -11.87 -12.58
N MET A 47 4.19 -11.88 -12.58
CA MET A 47 3.65 -10.52 -12.43
CA MET A 47 3.62 -10.54 -12.41
C MET A 47 4.27 -9.57 -13.45
C MET A 47 4.24 -9.57 -13.42
N MET A 48 5.57 -9.68 -13.70
N MET A 48 5.54 -9.69 -13.67
CA MET A 48 6.23 -8.77 -14.61
CA MET A 48 6.19 -8.77 -14.59
C MET A 48 5.77 -8.95 -16.05
C MET A 48 5.65 -8.91 -16.01
N LEU A 49 5.18 -10.10 -16.40
CA LEU A 49 4.64 -10.25 -17.75
C LEU A 49 3.50 -9.28 -18.03
N PHE A 50 2.77 -8.83 -16.99
CA PHE A 50 1.68 -7.86 -17.21
C PHE A 50 2.20 -6.47 -17.56
N TYR A 51 3.42 -6.16 -17.14
CA TYR A 51 3.98 -4.82 -17.20
C TYR A 51 4.77 -4.64 -18.49
N LYS A 52 4.42 -3.61 -19.26
CA LYS A 52 5.08 -3.30 -20.51
C LYS A 52 5.86 -2.01 -20.47
N GLY A 53 5.93 -1.34 -19.31
CA GLY A 53 6.42 0.03 -19.28
C GLY A 53 7.89 0.20 -19.58
N ASN A 54 8.68 -0.87 -19.47
CA ASN A 54 10.09 -0.81 -19.82
C ASN A 54 10.35 -1.06 -21.31
N GLN A 55 9.32 -1.34 -22.10
CA GLN A 55 9.50 -1.63 -23.51
C GLN A 55 9.43 -0.36 -24.32
N SER A 56 10.08 -0.38 -25.48
CA SER A 56 10.13 0.79 -26.35
C SER A 56 8.73 1.25 -26.68
N GLY A 57 8.50 2.56 -26.58
CA GLY A 57 7.21 3.14 -26.90
C GLY A 57 6.19 3.14 -25.77
N GLU A 58 6.48 2.50 -24.64
CA GLU A 58 5.54 2.40 -23.53
C GLU A 58 5.94 3.37 -22.43
N ILE A 59 5.07 3.50 -21.43
CA ILE A 59 5.21 4.48 -20.36
C ILE A 59 5.70 3.78 -19.10
N PRO A 60 6.88 4.11 -18.59
CA PRO A 60 7.31 3.46 -17.37
C PRO A 60 6.44 3.82 -16.18
N GLY A 61 6.26 2.82 -15.31
CA GLY A 61 5.66 3.01 -14.02
C GLY A 61 4.18 2.68 -13.94
N ILE A 62 3.55 2.36 -15.06
CA ILE A 62 2.12 2.04 -15.07
C ILE A 62 1.89 0.66 -15.66
N LEU A 63 0.88 -0.02 -15.13
CA LEU A 63 0.28 -1.20 -15.75
C LEU A 63 -0.63 -0.74 -16.89
N PRO A 64 -1.06 -1.66 -17.76
CA PRO A 64 -1.91 -1.25 -18.87
C PRO A 64 -3.20 -0.59 -18.40
N GLY A 65 -3.55 0.52 -19.03
CA GLY A 65 -4.69 1.31 -18.64
C GLY A 65 -4.44 2.77 -18.93
N PRO A 66 -5.34 3.65 -18.51
CA PRO A 66 -6.52 3.31 -17.69
C PRO A 66 -7.72 2.76 -18.47
N PRO A 67 -8.65 2.13 -17.76
CA PRO A 67 -9.82 1.56 -18.45
C PRO A 67 -10.71 2.62 -19.06
N THR A 68 -10.66 3.85 -18.56
CA THR A 68 -11.42 4.97 -19.13
C THR A 68 -10.99 5.29 -20.56
N GLU A 69 -9.75 4.92 -20.94
CA GLU A 69 -9.24 5.09 -22.28
C GLU A 69 -9.19 3.77 -23.06
N HIS A 70 -9.73 2.70 -22.49
CA HIS A 70 -9.71 1.39 -23.13
C HIS A 70 -8.30 0.95 -23.52
N LYS A 71 -7.35 1.27 -22.64
CA LYS A 71 -5.96 0.87 -22.82
C LYS A 71 -5.58 -0.31 -21.96
N GLY A 72 -6.47 -0.75 -21.07
CA GLY A 72 -6.19 -1.82 -20.14
C GLY A 72 -7.03 -1.64 -18.89
N ASP A 73 -6.79 -2.53 -17.93
CA ASP A 73 -7.69 -2.68 -16.78
C ASP A 73 -7.34 -1.80 -15.58
N TYR A 74 -6.18 -1.17 -15.56
CA TYR A 74 -5.59 -0.70 -14.32
C TYR A 74 -5.38 0.81 -14.30
N TYR A 75 -5.56 1.40 -13.13
CA TYR A 75 -5.30 2.81 -12.93
C TYR A 75 -3.87 3.07 -12.44
N TRP A 76 -3.45 4.33 -12.61
CA TRP A 76 -2.10 4.80 -12.31
C TRP A 76 -1.61 4.39 -10.94
N TRP A 77 -2.46 4.55 -9.90
CA TRP A 77 -1.98 4.25 -8.54
C TRP A 77 -1.53 2.80 -8.41
N GLU A 78 -2.14 1.88 -9.19
CA GLU A 78 -1.78 0.47 -9.10
C GLU A 78 -0.39 0.21 -9.66
N GLY A 79 0.08 1.05 -10.58
CA GLY A 79 1.48 1.02 -10.95
C GLY A 79 2.38 1.34 -9.76
N GLY A 80 2.00 2.35 -8.97
CA GLY A 80 2.76 2.68 -7.78
C GLY A 80 2.76 1.55 -6.76
N ALA A 81 1.62 0.87 -6.63
CA ALA A 81 1.55 -0.29 -5.75
C ALA A 81 2.46 -1.41 -6.25
N MET A 82 2.49 -1.64 -7.56
CA MET A 82 3.41 -2.62 -8.13
C MET A 82 4.86 -2.26 -7.81
N MET A 83 5.23 -0.99 -8.01
CA MET A 83 6.62 -0.60 -7.74
C MET A 83 6.99 -0.97 -6.30
N GLY A 84 6.13 -0.61 -5.34
CA GLY A 84 6.44 -0.92 -3.95
C GLY A 84 6.51 -2.41 -3.69
N THR A 85 5.63 -3.19 -4.34
CA THR A 85 5.71 -4.65 -4.22
C THR A 85 7.09 -5.17 -4.60
N TYR A 86 7.70 -4.60 -5.65
CA TYR A 86 9.01 -5.06 -6.10
C TYR A 86 10.15 -4.51 -5.26
N VAL A 87 10.00 -3.31 -4.68
CA VAL A 87 10.96 -2.84 -3.67
C VAL A 87 10.99 -3.82 -2.50
N ASP A 88 9.81 -4.26 -2.05
CA ASP A 88 9.76 -5.26 -0.98
C ASP A 88 10.29 -6.62 -1.45
N TYR A 89 9.98 -7.03 -2.68
CA TYR A 89 10.48 -8.30 -3.22
C TYR A 89 12.01 -8.38 -3.12
N TRP A 90 12.70 -7.34 -3.56
CA TRP A 90 14.16 -7.33 -3.48
C TRP A 90 14.64 -7.34 -2.04
N HIS A 91 13.99 -6.57 -1.18
CA HIS A 91 14.34 -6.52 0.24
C HIS A 91 14.19 -7.88 0.90
N LEU A 92 13.15 -8.62 0.53
CA LEU A 92 12.82 -9.89 1.16
C LEU A 92 13.61 -11.06 0.61
N THR A 93 14.00 -11.02 -0.67
CA THR A 93 14.61 -12.15 -1.33
C THR A 93 16.08 -11.95 -1.66
N GLY A 94 16.56 -10.71 -1.73
CA GLY A 94 17.88 -10.41 -2.23
C GLY A 94 18.03 -10.42 -3.74
N ASP A 95 16.97 -10.67 -4.50
CA ASP A 95 17.05 -10.77 -5.95
C ASP A 95 16.91 -9.37 -6.53
N PRO A 96 17.96 -8.81 -7.13
CA PRO A 96 17.90 -7.45 -7.68
C PRO A 96 17.50 -7.38 -9.16
N SER A 97 17.06 -8.50 -9.74
CA SER A 97 16.84 -8.60 -11.18
C SER A 97 15.98 -7.48 -11.75
N TYR A 98 14.94 -7.05 -11.03
CA TYR A 98 14.00 -6.06 -11.52
C TYR A 98 14.28 -4.65 -11.01
N ASN A 99 15.36 -4.46 -10.25
CA ASN A 99 15.57 -3.15 -9.63
C ASN A 99 15.67 -2.01 -10.65
N HIS A 100 16.33 -2.25 -11.81
CA HIS A 100 16.46 -1.17 -12.78
C HIS A 100 15.10 -0.77 -13.36
N VAL A 101 14.24 -1.75 -13.62
CA VAL A 101 12.91 -1.50 -14.16
C VAL A 101 12.09 -0.69 -13.17
N ILE A 102 12.20 -1.04 -11.89
CA ILE A 102 11.44 -0.39 -10.84
C ILE A 102 11.92 1.02 -10.59
N MET A 103 13.24 1.23 -10.59
CA MET A 103 13.75 2.59 -10.44
CA MET A 103 13.80 2.57 -10.47
C MET A 103 13.23 3.45 -11.57
N GLU A 104 13.28 2.95 -12.81
CA GLU A 104 12.81 3.71 -13.98
C GLU A 104 11.33 4.08 -13.83
N GLY A 105 10.51 3.12 -13.40
CA GLY A 105 9.09 3.38 -13.25
C GLY A 105 8.79 4.40 -12.15
N MET A 106 9.42 4.23 -10.98
CA MET A 106 9.26 5.17 -9.89
CA MET A 106 9.23 5.17 -9.90
C MET A 106 9.63 6.59 -10.30
N LEU A 107 10.77 6.73 -11.00
CA LEU A 107 11.25 8.06 -11.37
C LEU A 107 10.40 8.70 -12.46
N HIS A 108 9.81 7.89 -13.34
CA HIS A 108 9.08 8.47 -14.47
C HIS A 108 7.83 9.19 -14.00
N GLN A 109 7.25 8.79 -12.88
CA GLN A 109 5.94 9.24 -12.47
C GLN A 109 5.95 10.36 -11.43
N VAL A 110 7.12 10.94 -11.13
CA VAL A 110 7.25 11.90 -10.04
C VAL A 110 6.59 13.26 -10.33
N GLY A 111 6.35 13.61 -11.59
CA GLY A 111 5.85 14.91 -11.95
C GLY A 111 6.92 15.99 -11.96
N PRO A 112 6.61 17.14 -12.56
CA PRO A 112 7.59 18.22 -12.67
C PRO A 112 8.05 18.75 -11.33
N ASN A 113 7.22 18.64 -10.30
CA ASN A 113 7.55 19.18 -8.98
C ASN A 113 7.99 18.08 -8.02
N ALA A 114 8.29 16.88 -8.52
CA ALA A 114 8.89 15.84 -7.69
C ALA A 114 8.03 15.55 -6.45
N ASP A 115 6.73 15.41 -6.69
CA ASP A 115 5.72 15.27 -5.64
C ASP A 115 4.65 14.24 -5.97
N TYR A 116 4.85 13.44 -7.01
CA TYR A 116 3.86 12.47 -7.45
C TYR A 116 2.51 13.10 -7.78
N GLN A 117 2.56 14.31 -8.36
CA GLN A 117 1.38 14.94 -8.96
C GLN A 117 1.61 15.28 -10.42
N PRO A 118 1.93 14.30 -11.25
CA PRO A 118 2.05 14.58 -12.69
C PRO A 118 0.70 15.04 -13.22
N PRO A 119 0.64 16.18 -13.92
CA PRO A 119 -0.68 16.77 -14.25
C PRO A 119 -1.44 16.01 -15.30
N ASN A 120 -0.74 15.23 -16.13
CA ASN A 120 -1.46 14.46 -17.13
C ASN A 120 -2.42 13.50 -16.46
N HIS A 121 -2.22 13.22 -15.16
CA HIS A 121 -3.02 12.27 -14.40
C HIS A 121 -4.02 12.92 -13.44
N THR A 122 -4.37 14.19 -13.67
CA THR A 122 -5.23 14.92 -12.73
C THR A 122 -6.50 14.15 -12.38
N ALA A 123 -7.11 13.50 -13.36
CA ALA A 123 -8.34 12.77 -13.12
C ALA A 123 -8.16 11.65 -12.11
N SER A 124 -6.94 11.09 -12.01
CA SER A 124 -6.61 10.05 -11.03
C SER A 124 -5.99 10.60 -9.76
N LEU A 125 -6.08 11.91 -9.52
CA LEU A 125 -5.31 12.51 -8.43
C LEU A 125 -6.20 12.60 -7.19
N GLY A 126 -6.32 11.44 -6.54
CA GLY A 126 -6.71 11.43 -5.15
C GLY A 126 -5.53 11.47 -4.22
N ASN A 127 -5.83 11.80 -2.97
CA ASN A 127 -4.82 11.71 -1.92
C ASN A 127 -4.37 10.28 -1.70
N ASP A 128 -5.27 9.30 -1.90
CA ASP A 128 -4.87 7.91 -1.86
C ASP A 128 -3.92 7.55 -3.00
N ASP A 129 -4.23 7.98 -4.24
CA ASP A 129 -3.38 7.62 -5.36
C ASP A 129 -1.98 8.18 -5.17
N GLN A 130 -1.89 9.49 -4.87
CA GLN A 130 -0.60 10.11 -4.60
C GLN A 130 0.08 9.46 -3.40
N GLY A 131 -0.72 9.14 -2.38
CA GLY A 131 -0.21 8.52 -1.18
C GLY A 131 0.45 7.18 -1.43
N PHE A 132 -0.12 6.34 -2.31
CA PHE A 132 0.49 5.03 -2.58
C PHE A 132 1.85 5.19 -3.23
N TRP A 133 2.02 6.17 -4.12
CA TRP A 133 3.34 6.42 -4.68
C TRP A 133 4.29 6.94 -3.61
N GLY A 134 3.83 7.86 -2.75
CA GLY A 134 4.66 8.32 -1.64
C GLY A 134 5.09 7.19 -0.71
N MET A 135 4.17 6.26 -0.44
N MET A 135 4.18 6.25 -0.46
CA MET A 135 4.48 5.10 0.39
CA MET A 135 4.48 5.10 0.39
C MET A 135 5.57 4.25 -0.26
C MET A 135 5.49 4.15 -0.25
N SER A 136 5.48 4.04 -1.58
CA SER A 136 6.50 3.25 -2.25
C SER A 136 7.88 3.92 -2.17
N ALA A 137 7.92 5.26 -2.27
CA ALA A 137 9.17 5.98 -2.07
C ALA A 137 9.67 5.83 -0.63
N MET A 138 8.78 5.95 0.35
CA MET A 138 9.16 5.76 1.75
C MET A 138 9.73 4.37 1.95
N LEU A 139 9.10 3.36 1.34
CA LEU A 139 9.57 1.98 1.43
C LEU A 139 10.95 1.82 0.82
N ALA A 140 11.19 2.48 -0.30
CA ALA A 140 12.52 2.45 -0.90
C ALA A 140 13.56 3.00 0.06
N ALA A 141 13.28 4.11 0.74
CA ALA A 141 14.23 4.62 1.71
C ALA A 141 14.42 3.63 2.86
N GLU A 142 13.31 3.09 3.39
CA GLU A 142 13.39 2.16 4.52
C GLU A 142 14.16 0.90 4.17
N ASN A 143 14.07 0.45 2.93
CA ASN A 143 14.67 -0.80 2.48
C ASN A 143 16.05 -0.60 1.88
N LYS A 144 16.55 0.63 1.88
CA LYS A 144 17.86 0.95 1.30
C LYS A 144 17.89 0.56 -0.17
N PHE A 145 16.76 0.71 -0.86
CA PHE A 145 16.73 0.47 -2.30
C PHE A 145 17.73 1.43 -2.97
N PRO A 146 18.48 0.97 -3.97
CA PRO A 146 19.50 1.83 -4.58
C PRO A 146 18.98 3.22 -4.91
N ASN A 147 19.80 4.22 -4.64
CA ASN A 147 19.40 5.60 -4.86
C ASN A 147 19.35 5.93 -6.34
N PRO A 148 18.40 6.76 -6.76
CA PRO A 148 18.46 7.37 -8.09
C PRO A 148 19.73 8.17 -8.28
N PRO A 149 20.07 8.49 -9.55
CA PRO A 149 21.20 9.37 -9.85
C PRO A 149 21.13 10.69 -9.10
N ASP A 150 22.29 11.31 -8.97
CA ASP A 150 22.41 12.47 -8.08
C ASP A 150 21.53 13.64 -8.51
N ASP A 151 21.24 13.74 -9.80
CA ASP A 151 20.43 14.83 -10.31
C ASP A 151 18.94 14.53 -10.26
N LYS A 152 18.54 13.35 -9.82
CA LYS A 152 17.14 12.94 -9.80
C LYS A 152 16.60 12.99 -8.38
N PRO A 153 15.28 13.06 -8.22
CA PRO A 153 14.70 13.09 -6.86
C PRO A 153 15.05 11.81 -6.11
N GLN A 154 15.36 11.96 -4.82
CA GLN A 154 15.76 10.85 -3.97
C GLN A 154 14.54 10.32 -3.21
N TRP A 155 14.61 9.06 -2.76
CA TRP A 155 13.40 8.41 -2.22
C TRP A 155 12.82 9.12 -1.01
N LEU A 156 13.65 9.46 -0.02
CA LEU A 156 13.12 10.15 1.15
C LEU A 156 12.51 11.48 0.75
N ALA A 157 13.17 12.24 -0.15
CA ALA A 157 12.67 13.53 -0.60
C ALA A 157 11.32 13.40 -1.28
N LEU A 158 11.12 12.32 -2.04
CA LEU A 158 9.82 12.10 -2.68
C LEU A 158 8.74 11.83 -1.65
N ALA A 159 9.02 10.99 -0.65
CA ALA A 159 8.06 10.76 0.42
C ALA A 159 7.76 12.06 1.16
N GLN A 160 8.78 12.85 1.46
CA GLN A 160 8.57 14.14 2.12
C GLN A 160 7.72 15.08 1.28
N ALA A 161 7.89 15.04 -0.04
CA ALA A 161 7.09 15.94 -0.90
C ALA A 161 5.63 15.55 -0.88
N VAL A 162 5.35 14.25 -0.97
CA VAL A 162 3.95 13.81 -0.89
C VAL A 162 3.35 14.22 0.44
N TRP A 163 4.05 13.93 1.53
CA TRP A 163 3.54 14.27 2.86
C TRP A 163 3.31 15.78 2.99
N THR A 164 4.26 16.59 2.53
CA THR A 164 4.14 18.04 2.64
C THR A 164 2.95 18.57 1.87
N THR A 165 2.73 18.09 0.64
CA THR A 165 1.57 18.55 -0.12
C THR A 165 0.28 18.10 0.56
N GLN A 166 0.30 16.94 1.24
CA GLN A 166 -0.88 16.47 1.94
C GLN A 166 -1.14 17.22 3.23
N ALA A 167 -0.12 17.84 3.81
CA ALA A 167 -0.25 18.68 4.99
C ALA A 167 -0.61 20.13 4.67
N SER A 168 -0.65 20.50 3.39
CA SER A 168 -0.80 21.89 3.00
C SER A 168 -2.16 22.39 3.48
N PRO A 169 -2.27 23.68 3.83
CA PRO A 169 -3.48 24.11 4.55
C PRO A 169 -4.77 23.97 3.76
N GLU A 170 -4.73 24.12 2.44
CA GLU A 170 -5.98 24.02 1.66
C GLU A 170 -6.55 22.60 1.66
N ARG A 171 -5.76 21.60 2.06
CA ARG A 171 -6.28 20.24 2.14
C ARG A 171 -6.92 19.93 3.50
N HIS A 172 -6.95 20.89 4.43
CA HIS A 172 -7.45 20.69 5.80
C HIS A 172 -8.40 21.83 6.13
N ASP A 173 -9.67 21.68 5.76
CA ASP A 173 -10.70 22.67 6.04
C ASP A 173 -11.51 22.27 7.27
N GLY A 174 -12.51 23.09 7.62
CA GLY A 174 -13.29 22.86 8.83
C GLY A 174 -14.41 21.87 8.69
N THR A 175 -14.72 21.42 7.48
CA THR A 175 -15.81 20.47 7.36
C THR A 175 -15.43 19.19 8.11
N CYS A 176 -16.39 18.62 8.81
CA CYS A 176 -16.17 17.45 9.67
C CYS A 176 -15.05 17.68 10.69
N ASN A 177 -14.77 18.94 11.02
CA ASN A 177 -13.71 19.34 11.95
C ASN A 177 -12.33 18.88 11.48
N GLY A 178 -12.14 18.66 10.18
CA GLY A 178 -10.85 18.32 9.64
C GLY A 178 -10.92 17.07 8.78
N GLY A 179 -9.76 16.45 8.57
CA GLY A 179 -9.62 15.30 7.69
C GLY A 179 -9.40 15.70 6.24
N LEU A 180 -8.65 14.87 5.53
CA LEU A 180 -8.49 14.98 4.09
C LEU A 180 -9.73 14.48 3.35
N ARG A 181 -10.03 15.18 2.26
CA ARG A 181 -10.94 14.71 1.23
C ARG A 181 -10.26 13.63 0.39
N TRP A 182 -11.09 12.80 -0.22
CA TRP A 182 -10.59 11.73 -1.08
C TRP A 182 -9.78 12.29 -2.24
N GLN A 183 -10.34 13.31 -2.90
CA GLN A 183 -9.78 13.89 -4.13
C GLN A 183 -9.01 15.16 -3.84
N ILE A 184 -8.04 15.45 -4.71
CA ILE A 184 -7.24 16.67 -4.63
C ILE A 184 -7.91 17.83 -5.37
N PRO A 185 -8.31 17.68 -6.63
CA PRO A 185 -8.95 18.82 -7.33
C PRO A 185 -10.37 19.01 -6.84
N PRO A 186 -10.77 20.25 -6.51
CA PRO A 186 -12.15 20.46 -6.02
C PRO A 186 -13.22 20.09 -7.02
N THR A 187 -12.89 20.02 -8.31
CA THR A 187 -13.86 19.66 -9.34
C THR A 187 -13.93 18.16 -9.61
N ASN A 188 -13.06 17.36 -9.01
CA ASN A 188 -13.15 15.91 -9.21
C ASN A 188 -14.35 15.35 -8.46
N ALA A 189 -15.06 14.44 -9.11
CA ALA A 189 -16.10 13.67 -8.43
C ALA A 189 -15.48 12.97 -7.23
N GLY A 190 -16.15 13.07 -6.10
CA GLY A 190 -15.66 12.51 -4.86
C GLY A 190 -14.91 13.47 -3.97
N TYR A 191 -14.76 14.73 -4.36
CA TYR A 191 -14.15 15.74 -3.49
C TYR A 191 -14.95 15.92 -2.20
N ASN A 192 -16.24 15.63 -2.22
CA ASN A 192 -17.09 15.74 -1.03
C ASN A 192 -17.02 14.52 -0.10
N TYR A 193 -16.22 13.49 -0.42
CA TYR A 193 -16.10 12.29 0.39
C TYR A 193 -14.80 12.36 1.17
N LYS A 194 -14.89 12.46 2.49
CA LYS A 194 -13.71 12.37 3.36
C LYS A 194 -13.60 10.91 3.78
N ASN A 195 -12.65 10.18 3.22
CA ASN A 195 -12.59 8.75 3.38
C ASN A 195 -11.37 8.28 4.17
N THR A 196 -11.48 7.07 4.69
CA THR A 196 -10.40 6.52 5.48
C THR A 196 -9.11 6.44 4.70
N ILE A 197 -9.15 5.94 3.46
CA ILE A 197 -7.89 5.62 2.80
C ILE A 197 -7.03 6.87 2.61
N ALA A 198 -7.62 8.01 2.21
CA ALA A 198 -6.80 9.22 2.04
C ALA A 198 -6.10 9.57 3.33
N ASN A 199 -6.84 9.53 4.43
CA ASN A 199 -6.31 9.89 5.73
C ASN A 199 -5.33 8.85 6.25
N ALA A 200 -5.58 7.56 5.97
CA ALA A 200 -4.70 6.49 6.37
C ALA A 200 -3.34 6.59 5.67
N CYS A 201 -3.34 6.94 4.36
CA CYS A 201 -2.07 7.12 3.67
C CYS A 201 -1.27 8.26 4.30
N PHE A 202 -1.92 9.38 4.56
CA PHE A 202 -1.22 10.53 5.15
C PHE A 202 -0.71 10.20 6.56
N PHE A 203 -1.54 9.50 7.35
CA PHE A 203 -1.16 9.04 8.67
C PHE A 203 0.07 8.14 8.59
N ASP A 204 0.00 7.12 7.73
CA ASP A 204 1.09 6.14 7.61
C ASP A 204 2.39 6.84 7.20
N LEU A 205 2.31 7.73 6.19
N LEU A 205 2.30 7.77 6.23
CA LEU A 205 3.50 8.47 5.77
CA LEU A 205 3.49 8.46 5.77
C LEU A 205 4.06 9.28 6.93
C LEU A 205 4.06 9.38 6.83
N GLY A 206 3.21 9.99 7.66
CA GLY A 206 3.73 10.80 8.76
C GLY A 206 4.42 9.95 9.81
N ALA A 207 3.81 8.82 10.19
CA ALA A 207 4.40 7.96 11.20
C ALA A 207 5.75 7.42 10.74
N ARG A 208 5.84 7.05 9.47
CA ARG A 208 7.07 6.48 8.90
C ARG A 208 8.14 7.55 8.75
N LEU A 209 7.74 8.76 8.35
CA LEU A 209 8.72 9.84 8.24
C LEU A 209 9.23 10.24 9.62
N ALA A 210 8.37 10.22 10.63
CA ALA A 210 8.84 10.46 12.00
C ALA A 210 9.89 9.44 12.39
N ARG A 211 9.62 8.14 12.20
CA ARG A 211 10.58 7.13 12.62
C ARG A 211 11.89 7.28 11.86
N TYR A 212 11.83 7.54 10.56
CA TYR A 212 13.04 7.57 9.76
C TYR A 212 13.90 8.78 10.12
N THR A 213 13.28 9.95 10.18
CA THR A 213 14.00 11.21 10.31
C THR A 213 14.19 11.67 11.75
N LYS A 214 13.41 11.13 12.67
CA LYS A 214 13.36 11.54 14.07
C LYS A 214 12.82 12.95 14.23
N ASN A 215 12.08 13.44 13.26
CA ASN A 215 11.45 14.76 13.33
C ASN A 215 10.03 14.64 13.87
N ASN A 216 9.80 15.31 14.99
CA ASN A 216 8.55 15.15 15.70
C ASN A 216 7.37 15.85 15.03
N THR A 217 7.58 16.78 14.09
CA THR A 217 6.43 17.41 13.45
C THR A 217 5.66 16.39 12.60
N TYR A 218 6.36 15.43 12.00
CA TYR A 218 5.66 14.36 11.31
C TYR A 218 4.75 13.59 12.25
N ALA A 219 5.25 13.28 13.44
CA ALA A 219 4.52 12.51 14.43
C ALA A 219 3.32 13.27 14.97
N GLU A 220 3.46 14.59 15.19
CA GLU A 220 2.31 15.33 15.71
C GLU A 220 1.16 15.34 14.70
N TRP A 221 1.48 15.48 13.41
CA TRP A 221 0.46 15.39 12.38
C TRP A 221 -0.15 13.99 12.32
N ALA A 222 0.67 12.94 12.44
CA ALA A 222 0.12 11.59 12.41
C ALA A 222 -0.85 11.40 13.58
N GLU A 223 -0.47 11.89 14.76
CA GLU A 223 -1.36 11.79 15.93
C GLU A 223 -2.68 12.52 15.66
N LYS A 224 -2.59 13.74 15.10
CA LYS A 224 -3.79 14.52 14.81
C LYS A 224 -4.73 13.81 13.84
N ILE A 225 -4.18 13.21 12.79
CA ILE A 225 -5.04 12.55 11.80
C ILE A 225 -5.65 11.28 12.38
N PHE A 226 -4.87 10.50 13.14
CA PHE A 226 -5.44 9.31 13.77
C PHE A 226 -6.57 9.70 14.72
N ASP A 227 -6.35 10.75 15.51
CA ASP A 227 -7.37 11.18 16.46
C ASP A 227 -8.63 11.63 15.74
N TRP A 228 -8.48 12.24 14.55
CA TRP A 228 -9.62 12.64 13.72
C TRP A 228 -10.38 11.41 13.22
N LEU A 229 -9.66 10.40 12.71
CA LEU A 229 -10.29 9.17 12.25
C LEU A 229 -11.06 8.49 13.37
N TYR A 230 -10.54 8.55 14.58
CA TYR A 230 -11.24 7.98 15.75
C TYR A 230 -12.44 8.83 16.09
N ALA A 231 -12.27 10.14 16.17
CA ALA A 231 -13.38 11.02 16.56
C ALA A 231 -14.55 10.95 15.57
N VAL A 232 -14.26 10.99 14.27
CA VAL A 232 -15.31 10.95 13.26
C VAL A 232 -16.02 9.60 13.25
N GLY A 233 -15.44 8.57 13.85
CA GLY A 233 -16.09 7.28 13.96
C GLY A 233 -15.83 6.36 12.79
N TYR A 234 -14.87 6.69 11.92
CA TYR A 234 -14.48 5.72 10.90
C TYR A 234 -13.74 4.53 11.54
N ILE A 235 -13.12 4.74 12.71
CA ILE A 235 -12.67 3.64 13.56
C ILE A 235 -13.77 3.43 14.61
N ASP A 236 -14.35 2.24 14.62
CA ASP A 236 -15.40 1.93 15.57
C ASP A 236 -14.82 1.90 16.99
N HIS A 237 -15.40 2.72 17.90
CA HIS A 237 -14.84 2.84 19.23
C HIS A 237 -14.98 1.58 20.06
N GLU A 238 -15.89 0.69 19.70
CA GLU A 238 -16.12 -0.55 20.43
C GLU A 238 -15.40 -1.72 19.78
N THR A 239 -15.51 -1.86 18.47
CA THR A 239 -15.02 -3.06 17.84
C THR A 239 -13.69 -2.86 17.10
N TRP A 240 -13.28 -1.62 16.88
CA TRP A 240 -12.08 -1.30 16.09
C TRP A 240 -12.16 -1.76 14.64
N ALA A 241 -13.37 -2.07 14.15
CA ALA A 241 -13.61 -2.10 12.72
C ALA A 241 -13.24 -0.75 12.12
N VAL A 242 -12.85 -0.75 10.85
CA VAL A 242 -12.44 0.47 10.15
C VAL A 242 -13.30 0.63 8.91
N TYR A 243 -14.22 1.59 8.95
CA TYR A 243 -15.19 1.84 7.90
C TYR A 243 -14.56 2.69 6.79
N ASP A 244 -15.35 2.94 5.75
CA ASP A 244 -14.78 3.49 4.52
C ASP A 244 -14.74 5.02 4.46
N GLY A 245 -15.73 5.74 4.98
CA GLY A 245 -15.77 7.17 4.85
C GLY A 245 -17.16 7.73 5.07
N GLY A 246 -17.28 9.04 4.83
CA GLY A 246 -18.52 9.79 4.97
C GLY A 246 -18.41 11.07 4.15
N HIS A 247 -19.54 11.75 3.96
CA HIS A 247 -19.57 12.93 3.09
C HIS A 247 -19.72 14.24 3.86
N VAL A 248 -19.08 15.29 3.35
CA VAL A 248 -19.08 16.56 4.06
C VAL A 248 -20.47 17.15 4.22
N GLU A 249 -21.37 16.94 3.26
CA GLU A 249 -22.69 17.54 3.37
C GLU A 249 -23.50 16.96 4.52
N HIS A 250 -23.09 15.82 5.07
CA HIS A 250 -23.71 15.21 6.24
C HIS A 250 -22.81 15.27 7.45
N ASN A 251 -21.83 16.18 7.44
CA ASN A 251 -20.86 16.28 8.54
C ASN A 251 -20.17 14.93 8.76
N CYS A 252 -20.01 14.15 7.68
CA CYS A 252 -19.31 12.87 7.70
C CYS A 252 -20.07 11.81 8.51
N THR A 253 -21.34 12.04 8.84
CA THR A 253 -22.12 11.10 9.66
C THR A 253 -22.73 9.94 8.88
N ASP A 254 -22.79 10.06 7.56
CA ASP A 254 -23.37 9.03 6.70
C ASP A 254 -22.31 7.97 6.41
N ILE A 255 -21.86 7.31 7.47
CA ILE A 255 -20.69 6.45 7.34
C ILE A 255 -21.00 5.29 6.41
N ASN A 256 -20.16 5.10 5.40
CA ASN A 256 -20.16 3.91 4.57
C ASN A 256 -19.42 2.83 5.32
N ARG A 257 -20.16 1.84 5.84
CA ARG A 257 -19.60 0.83 6.73
C ARG A 257 -18.93 -0.31 6.01
N ALA A 258 -18.71 -0.20 4.71
CA ALA A 258 -17.89 -1.21 4.05
C ALA A 258 -16.51 -1.25 4.69
N GLN A 259 -16.04 -2.46 4.97
CA GLN A 259 -14.76 -2.73 5.61
C GLN A 259 -13.80 -3.36 4.60
N PHE A 260 -12.96 -2.50 3.99
CA PHE A 260 -11.92 -2.96 3.09
C PHE A 260 -10.65 -3.27 3.88
N SER A 261 -10.02 -4.40 3.52
CA SER A 261 -8.90 -4.90 4.32
C SER A 261 -7.77 -3.87 4.41
N TYR A 262 -7.49 -3.17 3.31
CA TYR A 262 -6.35 -2.27 3.29
C TYR A 262 -6.51 -1.08 4.23
N ASN A 263 -7.74 -0.71 4.59
CA ASN A 263 -7.94 0.42 5.48
C ASN A 263 -7.51 0.07 6.90
N ALA A 264 -8.03 -1.03 7.44
CA ALA A 264 -7.61 -1.43 8.77
C ALA A 264 -6.12 -1.76 8.79
N ALA A 265 -5.62 -2.48 7.76
CA ALA A 265 -4.21 -2.87 7.77
C ALA A 265 -3.29 -1.66 7.71
N LEU A 266 -3.65 -0.62 6.95
CA LEU A 266 -2.80 0.56 6.86
C LEU A 266 -2.77 1.31 8.18
N LEU A 267 -3.92 1.42 8.86
CA LEU A 267 -3.92 2.03 10.19
C LEU A 267 -3.08 1.22 11.18
N LEU A 268 -3.18 -0.12 11.10
CA LEU A 268 -2.33 -0.95 11.95
C LEU A 268 -0.85 -0.67 11.69
N HIS A 269 -0.47 -0.61 10.42
CA HIS A 269 0.92 -0.36 10.04
C HIS A 269 1.41 0.97 10.59
N GLY A 270 0.63 2.05 10.36
CA GLY A 270 1.04 3.35 10.88
C GLY A 270 1.10 3.37 12.40
N ALA A 271 0.12 2.75 13.06
CA ALA A 271 0.13 2.69 14.51
C ALA A 271 1.35 1.97 15.05
N ALA A 272 1.80 0.92 14.34
CA ALA A 272 2.99 0.21 14.76
C ALA A 272 4.23 1.10 14.65
N PHE A 273 4.33 1.91 13.58
CA PHE A 273 5.42 2.87 13.49
C PHE A 273 5.35 3.89 14.63
N MET A 274 4.14 4.35 14.98
CA MET A 274 4.02 5.30 16.09
C MET A 274 4.37 4.66 17.43
N TRP A 275 3.99 3.40 17.64
CA TRP A 275 4.39 2.69 18.86
C TRP A 275 5.90 2.58 18.93
N ASN A 276 6.54 2.20 17.83
CA ASN A 276 7.98 2.03 17.83
C ASN A 276 8.69 3.37 18.09
N TYR A 277 8.19 4.44 17.49
CA TYR A 277 8.83 5.75 17.62
C TYR A 277 8.60 6.36 19.01
N THR A 278 7.35 6.33 19.49
CA THR A 278 6.99 7.04 20.71
C THR A 278 7.14 6.22 21.98
N GLU A 279 7.01 4.89 21.90
CA GLU A 279 6.96 4.02 23.08
C GLU A 279 5.82 4.42 24.04
N ASP A 280 4.78 5.06 23.52
CA ASP A 280 3.62 5.46 24.32
C ASP A 280 2.63 4.31 24.33
N GLN A 281 2.22 3.90 25.52
CA GLN A 281 1.28 2.79 25.67
C GLN A 281 0.01 2.99 24.87
N LYS A 282 -0.45 4.23 24.68
CA LYS A 282 -1.66 4.42 23.89
C LYS A 282 -1.51 3.85 22.48
N TRP A 283 -0.31 3.95 21.89
CA TRP A 283 -0.08 3.39 20.56
C TRP A 283 0.00 1.87 20.60
N LYS A 284 0.59 1.28 21.64
N LYS A 284 0.61 1.29 21.64
CA LYS A 284 0.56 -0.16 21.78
CA LYS A 284 0.56 -0.16 21.78
C LYS A 284 -0.87 -0.66 21.87
C LYS A 284 -0.88 -0.64 21.84
N ASP A 285 -1.71 0.05 22.63
CA ASP A 285 -3.12 -0.34 22.74
C ASP A 285 -3.84 -0.24 21.40
N ARG A 286 -3.55 0.80 20.62
CA ARG A 286 -4.17 0.94 19.30
C ARG A 286 -3.71 -0.17 18.35
N VAL A 287 -2.41 -0.51 18.36
CA VAL A 287 -1.92 -1.67 17.58
C VAL A 287 -2.70 -2.91 17.96
N ASP A 288 -2.80 -3.18 19.25
CA ASP A 288 -3.42 -4.42 19.70
C ASP A 288 -4.90 -4.45 19.33
N ASN A 289 -5.61 -3.33 19.49
CA ASN A 289 -7.03 -3.29 19.19
C ASN A 289 -7.30 -3.39 17.69
N LEU A 290 -6.51 -2.68 16.87
CA LEU A 290 -6.65 -2.80 15.42
C LEU A 290 -6.38 -4.22 14.97
N LEU A 291 -5.34 -4.84 15.54
CA LEU A 291 -4.98 -6.21 15.16
C LEU A 291 -6.07 -7.19 15.55
N THR A 292 -6.63 -7.08 16.75
CA THR A 292 -7.75 -7.94 17.13
C THR A 292 -8.86 -7.84 16.10
N GLY A 293 -9.19 -6.62 15.70
CA GLY A 293 -10.26 -6.43 14.73
C GLY A 293 -9.95 -7.07 13.39
N ILE A 294 -8.72 -6.90 12.91
CA ILE A 294 -8.34 -7.46 11.61
C ILE A 294 -8.41 -8.98 11.62
N LEU A 295 -7.90 -9.60 12.67
CA LEU A 295 -7.92 -11.07 12.73
C LEU A 295 -9.34 -11.58 12.78
N ARG A 296 -10.21 -10.87 13.51
CA ARG A 296 -11.63 -11.21 13.60
C ARG A 296 -12.36 -11.03 12.27
N ASP A 297 -12.10 -9.94 11.56
CA ASP A 297 -12.93 -9.58 10.43
C ASP A 297 -12.44 -10.11 9.09
N PHE A 298 -11.12 -10.10 8.87
CA PHE A 298 -10.58 -10.39 7.54
C PHE A 298 -9.99 -11.78 7.39
N PHE A 299 -9.70 -12.48 8.47
CA PHE A 299 -9.09 -13.80 8.36
C PHE A 299 -10.14 -14.85 8.67
N LYS A 300 -10.41 -15.67 7.66
CA LYS A 300 -11.43 -16.72 7.74
C LYS A 300 -10.73 -18.06 7.66
N ASP A 301 -10.77 -18.81 8.76
CA ASP A 301 -10.00 -20.05 8.92
C ASP A 301 -8.57 -19.85 8.47
N GLY A 302 -8.02 -18.71 8.84
CA GLY A 302 -6.63 -18.47 8.58
C GLY A 302 -6.31 -17.87 7.23
N VAL A 303 -7.29 -17.40 6.47
CA VAL A 303 -7.06 -16.90 5.12
C VAL A 303 -7.66 -15.51 4.94
N VAL A 304 -6.89 -14.57 4.39
N VAL A 304 -6.87 -14.57 4.41
CA VAL A 304 -7.41 -13.22 4.19
CA VAL A 304 -7.39 -13.24 4.13
C VAL A 304 -8.54 -13.24 3.18
C VAL A 304 -8.63 -13.36 3.24
N PHE A 305 -9.58 -12.47 3.46
CA PHE A 305 -10.83 -12.47 2.70
C PHE A 305 -11.34 -11.04 2.58
N GLU A 306 -11.61 -10.62 1.34
CA GLU A 306 -12.01 -9.23 1.08
C GLU A 306 -13.52 -9.09 1.32
N ILE A 307 -13.89 -8.85 2.57
CA ILE A 307 -15.28 -9.02 2.99
C ILE A 307 -16.27 -8.19 2.16
N PRO A 308 -15.98 -6.97 1.65
CA PRO A 308 -17.05 -6.26 0.93
C PRO A 308 -17.41 -6.85 -0.43
N CYS A 309 -16.57 -7.72 -1.01
CA CYS A 309 -16.79 -8.15 -2.38
C CYS A 309 -16.49 -9.61 -2.67
N GLU A 310 -15.66 -10.29 -1.88
CA GLU A 310 -15.21 -11.63 -2.26
C GLU A 310 -16.28 -12.71 -2.07
N GLY A 311 -17.37 -12.41 -1.38
CA GLY A 311 -18.38 -13.43 -1.10
C GLY A 311 -19.03 -14.01 -2.32
N ARG A 312 -18.97 -13.32 -3.44
CA ARG A 312 -19.40 -13.88 -4.71
C ARG A 312 -18.46 -13.39 -5.79
N GLN A 313 -18.36 -14.16 -6.84
CA GLN A 313 -17.53 -13.79 -7.97
C GLN A 313 -18.19 -12.66 -8.76
N GLY A 314 -17.36 -11.84 -9.38
CA GLY A 314 -17.82 -10.77 -10.24
C GLY A 314 -18.14 -9.44 -9.59
N ALA A 315 -17.77 -9.25 -8.31
CA ALA A 315 -18.04 -8.01 -7.59
C ALA A 315 -16.80 -7.19 -7.27
N CYS A 316 -15.65 -7.80 -7.04
CA CYS A 316 -14.48 -7.02 -6.67
C CYS A 316 -13.96 -6.22 -7.86
N THR A 317 -13.63 -4.94 -7.64
CA THR A 317 -13.06 -4.11 -8.67
C THR A 317 -11.54 -4.40 -8.80
N ALA A 318 -10.95 -3.89 -9.90
CA ALA A 318 -9.51 -4.04 -10.09
C ALA A 318 -8.74 -3.58 -8.86
N ASP A 319 -9.13 -2.43 -8.28
CA ASP A 319 -8.43 -1.94 -7.10
C ASP A 319 -8.50 -2.96 -5.95
N MET A 320 -9.68 -3.51 -5.71
CA MET A 320 -9.91 -4.39 -4.55
C MET A 320 -9.12 -5.68 -4.64
N LEU A 321 -8.80 -6.15 -5.85
CA LEU A 321 -8.04 -7.39 -6.03
C LEU A 321 -6.62 -7.28 -5.51
N THR A 322 -6.12 -6.06 -5.29
CA THR A 322 -4.79 -5.83 -4.79
C THR A 322 -4.70 -5.77 -3.26
N PHE A 323 -5.82 -5.61 -2.56
CA PHE A 323 -5.73 -5.22 -1.15
C PHE A 323 -5.05 -6.29 -0.31
N LYS A 324 -5.39 -7.56 -0.53
CA LYS A 324 -4.86 -8.62 0.33
C LYS A 324 -3.34 -8.74 0.25
N GLY A 325 -2.73 -8.35 -0.87
CA GLY A 325 -1.28 -8.31 -0.93
C GLY A 325 -0.68 -7.26 -0.01
N TYR A 326 -1.27 -6.07 0.02
N TYR A 326 -1.28 -6.07 0.02
CA TYR A 326 -0.84 -5.05 0.99
CA TYR A 326 -0.87 -5.05 0.97
C TYR A 326 -1.00 -5.57 2.42
C TYR A 326 -1.04 -5.52 2.42
N VAL A 327 -2.13 -6.23 2.70
CA VAL A 327 -2.35 -6.74 4.05
C VAL A 327 -1.16 -7.60 4.47
N HIS A 328 -0.77 -8.54 3.60
CA HIS A 328 0.35 -9.43 3.93
C HIS A 328 1.64 -8.65 4.13
N ARG A 329 2.00 -7.78 3.19
CA ARG A 329 3.29 -7.10 3.28
C ARG A 329 3.34 -6.17 4.47
N TRP A 330 2.24 -5.45 4.74
CA TRP A 330 2.25 -4.48 5.83
C TRP A 330 2.19 -5.18 7.18
N MET A 331 1.38 -6.23 7.30
CA MET A 331 1.33 -6.95 8.57
C MET A 331 2.66 -7.63 8.87
N ALA A 332 3.37 -8.10 7.85
CA ALA A 332 4.69 -8.68 8.10
C ALA A 332 5.63 -7.62 8.69
N VAL A 333 5.62 -6.40 8.16
CA VAL A 333 6.48 -5.35 8.71
C VAL A 333 6.08 -5.03 10.15
N VAL A 334 4.77 -5.05 10.46
CA VAL A 334 4.33 -4.82 11.84
C VAL A 334 5.06 -5.75 12.81
N THR A 335 5.31 -7.00 12.40
CA THR A 335 5.97 -7.93 13.31
C THR A 335 7.41 -7.52 13.62
N GLN A 336 8.02 -6.74 12.73
CA GLN A 336 9.39 -6.29 12.94
C GLN A 336 9.43 -5.06 13.84
N ILE A 337 8.51 -4.13 13.65
CA ILE A 337 8.62 -2.90 14.42
C ILE A 337 7.76 -2.90 15.67
N ALA A 338 6.81 -3.83 15.79
CA ALA A 338 6.03 -4.08 17.00
C ALA A 338 6.20 -5.57 17.31
N PRO A 339 7.38 -5.98 17.77
CA PRO A 339 7.68 -7.43 17.84
C PRO A 339 6.75 -8.23 18.75
N HIS A 340 6.07 -7.58 19.70
CA HIS A 340 5.15 -8.34 20.53
C HIS A 340 3.97 -8.90 19.74
N THR A 341 3.75 -8.44 18.50
CA THR A 341 2.67 -8.94 17.67
C THR A 341 3.05 -10.18 16.86
N LYS A 342 4.32 -10.61 16.90
CA LYS A 342 4.80 -11.59 15.93
C LYS A 342 4.00 -12.90 15.97
N ASP A 343 3.74 -13.43 17.17
CA ASP A 343 3.08 -14.72 17.26
C ASP A 343 1.60 -14.66 16.92
N ARG A 344 1.00 -13.47 16.95
CA ARG A 344 -0.37 -13.33 16.51
C ARG A 344 -0.46 -13.24 14.99
N ILE A 345 0.56 -12.71 14.33
CA ILE A 345 0.49 -12.39 12.92
C ILE A 345 1.12 -13.48 12.05
N LEU A 346 2.35 -13.89 12.34
CA LEU A 346 3.03 -14.73 11.37
C LEU A 346 2.33 -16.06 11.10
N PRO A 347 1.77 -16.76 12.10
CA PRO A 347 1.09 -18.02 11.76
C PRO A 347 -0.11 -17.83 10.84
N VAL A 348 -0.79 -16.70 10.96
N VAL A 348 -0.83 -16.71 10.96
CA VAL A 348 -1.97 -16.42 10.15
CA VAL A 348 -1.99 -16.50 10.08
C VAL A 348 -1.57 -16.01 8.75
C VAL A 348 -1.55 -16.05 8.70
N LEU A 349 -0.48 -15.24 8.59
CA LEU A 349 0.02 -14.96 7.26
C LEU A 349 0.46 -16.24 6.57
N ARG A 350 1.02 -17.18 7.33
CA ARG A 350 1.42 -18.45 6.75
C ARG A 350 0.23 -19.24 6.19
N THR A 351 -0.85 -19.41 6.98
CA THR A 351 -2.01 -20.14 6.46
C THR A 351 -2.63 -19.43 5.27
N SER A 352 -2.61 -18.09 5.28
CA SER A 352 -3.18 -17.32 4.19
C SER A 352 -2.36 -17.50 2.92
N ALA A 353 -1.03 -17.45 3.04
CA ALA A 353 -0.15 -17.67 1.89
C ALA A 353 -0.24 -19.09 1.37
N GLU A 354 -0.41 -20.08 2.27
CA GLU A 354 -0.63 -21.45 1.82
C GLU A 354 -1.87 -21.53 0.94
N ALA A 355 -2.95 -20.86 1.35
CA ALA A 355 -4.16 -20.86 0.52
C ALA A 355 -3.91 -20.13 -0.80
N ALA A 356 -3.16 -19.03 -0.77
CA ALA A 356 -2.82 -18.33 -2.02
C ALA A 356 -2.16 -19.28 -3.00
N VAL A 357 -1.13 -20.01 -2.56
CA VAL A 357 -0.42 -20.86 -3.51
C VAL A 357 -1.24 -22.10 -3.90
N LYS A 358 -2.10 -22.60 -3.02
CA LYS A 358 -2.88 -23.78 -3.37
C LYS A 358 -3.75 -23.54 -4.59
N GLN A 359 -4.21 -22.31 -4.81
CA GLN A 359 -5.08 -22.01 -5.96
C GLN A 359 -4.33 -21.42 -7.15
N CYS A 360 -3.01 -21.27 -7.10
CA CYS A 360 -2.22 -20.84 -8.25
C CYS A 360 -1.89 -22.06 -9.10
N VAL A 361 -2.93 -22.55 -9.78
CA VAL A 361 -2.84 -23.76 -10.57
C VAL A 361 -3.56 -23.61 -11.91
N GLY A 362 -3.92 -22.39 -12.28
CA GLY A 362 -4.76 -22.23 -13.44
C GLY A 362 -4.09 -22.41 -14.79
N PRO A 363 -4.88 -22.78 -15.80
CA PRO A 363 -4.39 -22.77 -17.19
C PRO A 363 -4.13 -21.34 -17.62
N PRO A 364 -3.29 -21.12 -18.63
CA PRO A 364 -2.68 -22.15 -19.48
C PRO A 364 -1.32 -22.64 -19.01
N THR A 365 -0.83 -22.09 -17.91
CA THR A 365 0.53 -22.35 -17.46
C THR A 365 0.61 -23.43 -16.39
N GLY A 366 -0.50 -23.80 -15.75
CA GLY A 366 -0.52 -24.66 -14.58
C GLY A 366 -0.17 -23.97 -13.29
N ARG A 367 0.05 -22.66 -13.34
CA ARG A 367 0.44 -21.91 -12.16
C ARG A 367 -0.23 -20.54 -12.11
N ARG A 368 -1.23 -20.28 -12.96
CA ARG A 368 -1.88 -18.98 -12.96
C ARG A 368 -2.62 -18.78 -11.64
N CYS A 369 -2.55 -17.55 -11.10
CA CYS A 369 -3.13 -17.24 -9.81
C CYS A 369 -4.46 -16.52 -9.93
N GLY A 370 -5.44 -16.98 -9.15
CA GLY A 370 -6.67 -16.27 -8.93
C GLY A 370 -6.71 -15.56 -7.60
N PHE A 371 -7.92 -15.13 -7.22
CA PHE A 371 -8.17 -14.27 -6.08
C PHE A 371 -8.82 -14.98 -4.90
N TYR A 372 -9.53 -16.08 -5.15
CA TYR A 372 -10.48 -16.63 -4.17
C TYR A 372 -9.75 -17.68 -3.34
N TRP A 373 -8.78 -17.19 -2.56
CA TRP A 373 -7.90 -18.09 -1.83
C TRP A 373 -8.68 -18.94 -0.83
N LYS A 374 -9.55 -18.30 -0.05
CA LYS A 374 -10.27 -19.05 0.95
C LYS A 374 -11.06 -20.20 0.33
N SER A 375 -11.65 -19.98 -0.86
CA SER A 375 -12.44 -21.01 -1.55
C SER A 375 -11.66 -22.27 -1.85
N GLY A 376 -10.34 -22.20 -1.96
CA GLY A 376 -9.55 -23.35 -2.26
C GLY A 376 -9.45 -23.73 -3.71
N LYS A 377 -10.04 -22.95 -4.62
CA LYS A 377 -10.08 -23.31 -6.02
C LYS A 377 -9.64 -22.12 -6.88
N PHE A 378 -8.97 -22.44 -7.99
CA PHE A 378 -8.65 -21.45 -8.99
C PHE A 378 -9.93 -20.95 -9.66
N VAL A 379 -10.06 -19.62 -9.74
CA VAL A 379 -11.12 -18.94 -10.48
C VAL A 379 -10.41 -18.05 -11.52
N ASP A 380 -10.82 -18.13 -12.77
CA ASP A 380 -10.18 -17.33 -13.81
C ASP A 380 -10.40 -15.85 -13.52
N PRO A 381 -9.32 -15.03 -13.48
CA PRO A 381 -9.50 -13.57 -13.29
C PRO A 381 -10.47 -12.92 -14.26
N SER A 382 -10.77 -13.54 -15.40
CA SER A 382 -11.76 -12.96 -16.28
C SER A 382 -13.12 -12.79 -15.60
N VAL A 383 -13.42 -13.54 -14.54
CA VAL A 383 -14.72 -13.38 -13.88
C VAL A 383 -14.84 -11.98 -13.29
N ASP A 384 -13.71 -11.39 -12.90
CA ASP A 384 -13.67 -10.03 -12.38
C ASP A 384 -13.17 -9.03 -13.40
N HIS A 385 -13.16 -9.41 -14.67
CA HIS A 385 -13.03 -8.49 -15.78
C HIS A 385 -11.69 -7.81 -15.86
N THR A 386 -10.62 -8.49 -15.45
CA THR A 386 -9.28 -8.00 -15.68
C THR A 386 -8.41 -9.16 -16.14
N SER A 387 -7.21 -8.81 -16.62
CA SER A 387 -6.25 -9.82 -17.02
C SER A 387 -5.60 -10.56 -15.84
N GLY A 388 -5.74 -10.07 -14.61
CA GLY A 388 -5.27 -10.79 -13.44
C GLY A 388 -4.00 -10.23 -12.77
N ALA A 389 -3.59 -9.00 -13.08
CA ALA A 389 -2.38 -8.45 -12.49
C ALA A 389 -2.49 -8.26 -10.98
N GLY A 390 -3.66 -7.86 -10.48
CA GLY A 390 -3.77 -7.64 -9.04
C GLY A 390 -3.66 -8.92 -8.25
N GLU A 391 -4.27 -10.00 -8.76
CA GLU A 391 -4.16 -11.30 -8.14
C GLU A 391 -2.71 -11.76 -8.13
N ALA A 392 -2.01 -11.58 -9.25
CA ALA A 392 -0.61 -11.97 -9.31
C ALA A 392 0.22 -11.15 -8.32
N MET A 393 -0.06 -9.85 -8.24
N MET A 393 -0.08 -9.85 -8.21
CA MET A 393 0.65 -8.98 -7.30
CA MET A 393 0.66 -8.99 -7.30
C MET A 393 0.42 -9.45 -5.88
C MET A 393 0.41 -9.40 -5.85
N SER A 394 -0.83 -9.79 -5.55
CA SER A 394 -1.17 -10.19 -4.18
C SER A 394 -0.48 -11.49 -3.78
N VAL A 395 -0.40 -12.47 -4.70
CA VAL A 395 0.29 -13.71 -4.35
C VAL A 395 1.78 -13.47 -4.21
N LEU A 396 2.37 -12.68 -5.11
CA LEU A 396 3.78 -12.31 -4.97
C LEU A 396 4.05 -11.70 -3.61
N ALA A 397 3.19 -10.75 -3.19
CA ALA A 397 3.34 -10.10 -1.89
C ALA A 397 3.27 -11.10 -0.75
N ALA A 398 2.28 -11.99 -0.79
CA ALA A 398 2.09 -12.93 0.30
C ALA A 398 3.26 -13.90 0.41
N VAL A 399 3.71 -14.44 -0.72
CA VAL A 399 4.78 -15.42 -0.69
C VAL A 399 6.10 -14.78 -0.29
N SER A 400 6.43 -13.62 -0.91
N SER A 400 6.44 -13.62 -0.88
CA SER A 400 7.67 -12.94 -0.56
CA SER A 400 7.72 -13.01 -0.53
C SER A 400 7.72 -12.66 0.94
C SER A 400 7.76 -12.59 0.93
N SER A 401 6.61 -12.19 1.49
CA SER A 401 6.57 -11.78 2.88
C SER A 401 6.72 -12.94 3.86
N LEU A 402 6.61 -14.20 3.39
CA LEU A 402 6.98 -15.34 4.22
C LEU A 402 8.44 -15.29 4.63
N LEU A 403 9.27 -14.49 3.97
CA LEU A 403 10.68 -14.36 4.31
C LEU A 403 10.97 -13.24 5.33
N ILE A 404 9.93 -12.65 5.92
CA ILE A 404 10.14 -11.50 6.81
C ILE A 404 11.09 -11.81 7.97
N GLU A 405 11.08 -13.04 8.49
CA GLU A 405 11.92 -13.39 9.63
C GLU A 405 13.41 -13.24 9.31
N TYR A 406 13.79 -13.32 8.05
CA TYR A 406 15.17 -13.22 7.62
C TYR A 406 15.55 -11.80 7.19
N ALA A 407 14.60 -10.89 7.11
CA ALA A 407 14.83 -9.58 6.54
C ALA A 407 15.22 -8.57 7.61
N GLU A 408 15.95 -7.55 7.20
CA GLU A 408 16.22 -6.44 8.08
C GLU A 408 14.94 -5.65 8.32
N PRO A 409 14.80 -5.04 9.49
CA PRO A 409 13.67 -4.13 9.72
C PRO A 409 13.85 -2.87 8.89
N PRO A 410 12.80 -2.07 8.74
CA PRO A 410 12.94 -0.76 8.10
C PRO A 410 14.09 0.02 8.70
N ALA A 411 14.93 0.60 7.84
CA ALA A 411 16.01 1.45 8.30
C ALA A 411 15.46 2.81 8.75
N THR A 412 16.23 3.49 9.60
CA THR A 412 16.04 4.90 9.90
C THR A 412 17.19 5.68 9.25
N ASN A 413 17.22 6.98 9.49
CA ASN A 413 18.37 7.76 9.03
C ASN A 413 19.69 7.35 9.68
N GLU A 414 19.67 6.50 10.70
CA GLU A 414 20.93 6.02 11.28
C GLU A 414 21.72 5.17 10.30
N THR A 415 21.03 4.34 9.51
CA THR A 415 21.69 3.46 8.57
C THR A 415 21.20 3.60 7.14
N GLY A 416 20.15 4.35 6.89
CA GLY A 416 19.66 4.53 5.54
C GLY A 416 20.64 5.27 4.67
N ILE A 417 20.43 5.20 3.36
CA ILE A 417 21.30 5.82 2.37
C ILE A 417 20.60 6.90 1.56
N SER A 418 19.30 7.08 1.71
CA SER A 418 18.60 8.10 0.96
C SER A 418 18.91 9.49 1.52
N ARG A 419 18.40 10.52 0.85
CA ARG A 419 18.57 11.92 1.21
C ARG A 419 17.22 12.62 1.09
N GLY A 420 17.00 13.57 1.99
CA GLY A 420 15.77 14.34 2.02
C GLY A 420 15.93 15.70 1.36
N ASP A 421 14.90 16.53 1.50
CA ASP A 421 14.88 17.86 0.89
C ASP A 421 14.03 18.73 1.81
N PRO A 422 14.58 19.78 2.44
CA PRO A 422 13.77 20.59 3.37
C PRO A 422 12.70 21.36 2.68
N ASN A 423 12.78 21.50 1.36
CA ASN A 423 11.76 22.16 0.57
C ASN A 423 10.95 21.21 -0.28
N ALA A 424 10.95 19.93 0.05
CA ALA A 424 10.10 18.98 -0.65
C ALA A 424 8.65 19.47 -0.59
N GLY A 425 7.96 19.49 -1.73
CA GLY A 425 6.58 19.98 -1.75
C GLY A 425 6.41 21.50 -1.73
N MET A 426 7.48 22.27 -1.71
CA MET A 426 7.36 23.73 -1.52
C MET A 426 7.82 24.54 -2.71
N ARG A 427 7.86 23.95 -3.89
CA ARG A 427 8.29 24.71 -5.05
C ARG A 427 7.25 25.74 -5.44
N SER A 428 7.72 26.84 -6.05
CA SER A 428 6.84 27.94 -6.39
C SER A 428 5.85 27.55 -7.48
N ARG A 429 6.20 26.56 -8.31
CA ARG A 429 5.32 26.04 -9.35
C ARG A 429 4.47 24.88 -8.85
N GLY A 430 4.61 24.50 -7.57
CA GLY A 430 3.78 23.45 -7.00
C GLY A 430 2.30 23.75 -7.14
N ALA A 431 1.50 22.69 -7.28
CA ALA A 431 0.08 22.87 -7.52
C ALA A 431 -0.64 23.63 -6.41
N ALA A 432 -0.16 23.55 -5.16
CA ALA A 432 -0.82 24.28 -4.09
C ALA A 432 -0.83 25.78 -4.33
N GLN A 433 0.15 26.30 -5.07
CA GLN A 433 0.26 27.73 -5.40
C GLN A 433 -0.75 28.21 -6.42
N HIS A 434 -1.47 27.31 -7.09
CA HIS A 434 -2.56 27.78 -7.94
C HIS A 434 -3.85 27.01 -7.67
N PHE A 435 -4.04 26.61 -6.41
CA PHE A 435 -5.26 25.95 -5.99
C PHE A 435 -6.44 26.90 -6.01
C ACT B . -4.17 -11.38 22.09
O ACT B . -3.93 -10.18 22.39
OXT ACT B . -5.23 -11.90 21.63
CH3 ACT B . -3.02 -12.39 22.31
H1 ACT B . -2.74 -12.37 23.24
H2 ACT B . -2.27 -12.17 21.74
H3 ACT B . -3.34 -13.29 22.09
CA CA C . -11.42 -5.03 -18.20
CA CA D . -8.05 7.86 -7.66
C1 PGE E . 16.44 15.45 6.83
O1 PGE E . 15.96 15.27 8.18
C2 PGE E . 15.36 15.78 5.81
O2 PGE E . 15.86 16.88 5.02
C3 PGE E . 16.10 18.31 5.11
C4 PGE E . 16.70 18.83 6.40
O4 PGE E . 19.32 22.07 4.88
C6 PGE E . 18.32 22.12 5.91
C5 PGE E . 18.08 20.79 6.61
O3 PGE E . 16.83 20.25 6.29
H1 PGE E . 17.18 16.26 6.78
H12 PGE E . 16.93 14.53 6.47
HO1 PGE E . 16.53 14.63 8.61
H2 PGE E . 14.42 16.04 6.33
H22 PGE E . 15.16 14.90 5.17
H3 PGE E . 16.77 18.61 4.30
H32 PGE E . 15.14 18.84 4.97
H4 PGE E . 16.05 18.55 7.25
H42 PGE E . 17.68 18.36 6.56
HO4 PGE E . 19.20 22.85 4.31
H6 PGE E . 17.35 22.44 5.50
H62 PGE E . 18.61 22.84 6.70
H5 PGE E . 18.18 20.96 7.70
H52 PGE E . 18.89 20.10 6.31
C1 MAN F . -12.82 4.07 -3.75
C2 MAN F . -13.37 4.84 -2.56
C3 MAN F . -12.62 4.34 -1.32
C4 MAN F . -12.67 2.78 -1.18
C5 MAN F . -12.15 2.17 -2.47
C6 MAN F . -12.30 0.71 -2.54
O1 MAN F . -11.45 4.48 -3.90
O2 MAN F . -14.75 4.56 -2.28
O3 MAN F . -13.06 5.02 -0.16
O4 MAN F . -11.82 2.42 -0.08
O5 MAN F . -12.97 2.71 -3.55
O6 MAN F . -11.64 0.28 -3.76
H1 MAN F . -13.37 4.29 -4.68
H2 MAN F . -13.25 5.92 -2.74
H3 MAN F . -11.56 4.58 -1.44
H4 MAN F . -13.71 2.42 -1.03
H5 MAN F . -11.09 2.41 -2.58
H61 MAN F . -13.39 0.46 -2.55
H62 MAN F . -11.85 0.25 -1.64
HO1 MAN F . -11.14 4.13 -4.75
HO3 MAN F . -12.70 5.92 -0.24
HO4 MAN F . -12.26 2.79 0.71
HO6 MAN F . -11.41 -0.65 -3.66
#